data_2XIH
#
_entry.id   2XIH
#
_cell.length_a   81.960
_cell.length_b   81.960
_cell.length_c   75.198
_cell.angle_alpha   90.00
_cell.angle_beta   90.00
_cell.angle_gamma   90.00
#
_symmetry.space_group_name_H-M   'P 42 21 2'
#
loop_
_entity.id
_entity.type
_entity.pdbx_description
1 polymer 'ASCORBATE PEROXIDASE'
2 non-polymer 'PROTOPORPHYRIN IX CONTAINING FE'
3 non-polymer 'SULFATE ION'
4 non-polymer 'POTASSIUM ION'
5 non-polymer 'OXYGEN MOLECULE'
6 water water
#
_entity_poly.entity_id   1
_entity_poly.type   'polypeptide(L)'
_entity_poly.pdbx_seq_one_letter_code
;GKSYPTVSADYQKAVEKAKKKLRGFIAEKRCAPLMLRLAWHSAGTFDKGTKTGGPFGTIKHPAELAHSANNGLDIAVRLL
EPLKAEFPILSYADFYQLAGVVAVEVTGGPEVPFHPGREDKPEPPPEGRLPDATKGSDHLRDVFGKAMGLTDQDIVALSG
GHTIGAAHKERSGFEGPWTSNPLIFDNSYFTELLSGEKEGLLQLPSDKALLSDPVFRPLVDKYAADEDAFFADYAEAHQK
LSELGFADA
;
_entity_poly.pdbx_strand_id   A
#
loop_
_chem_comp.id
_chem_comp.type
_chem_comp.name
_chem_comp.formula
HEM non-polymer 'PROTOPORPHYRIN IX CONTAINING FE' 'C34 H32 Fe N4 O4'
K non-polymer 'POTASSIUM ION' 'K 1'
OXY non-polymer 'OXYGEN MOLECULE' O2
SO4 non-polymer 'SULFATE ION' 'O4 S -2'
#
# COMPACT_ATOMS: atom_id res chain seq x y z
N GLY A 1 9.84 4.79 17.45
CA GLY A 1 9.55 6.16 17.88
C GLY A 1 8.11 6.62 17.74
N LYS A 2 7.15 5.70 17.83
CA LYS A 2 5.75 6.11 17.74
C LYS A 2 5.11 6.30 19.12
N SER A 3 4.33 7.36 19.21
CA SER A 3 3.49 7.65 20.34
C SER A 3 2.07 7.89 19.79
N TYR A 4 1.26 6.85 19.86
CA TYR A 4 -0.06 6.99 19.23
C TYR A 4 -1.00 7.81 20.09
N PRO A 5 -1.82 8.61 19.43
CA PRO A 5 -2.75 9.45 20.21
C PRO A 5 -3.83 8.60 20.85
N THR A 6 -4.41 9.15 21.92
CA THR A 6 -5.60 8.60 22.52
C THR A 6 -6.85 8.93 21.71
N VAL A 7 -7.69 7.93 21.50
CA VAL A 7 -8.97 8.20 20.87
C VAL A 7 -10.04 7.69 21.83
N SER A 8 -11.23 8.26 21.74
CA SER A 8 -12.29 7.83 22.64
C SER A 8 -12.72 6.39 22.42
N ALA A 9 -13.38 5.83 23.43
CA ALA A 9 -14.00 4.53 23.33
C ALA A 9 -14.92 4.45 22.13
N ASP A 10 -15.75 5.45 21.84
CA ASP A 10 -16.64 5.33 20.68
C ASP A 10 -15.86 5.22 19.36
N TYR A 11 -14.71 5.90 19.34
CA TYR A 11 -13.87 5.86 18.13
C TYR A 11 -13.34 4.42 17.97
N GLN A 12 -12.84 3.88 19.08
CA GLN A 12 -12.34 2.50 18.98
C GLN A 12 -13.40 1.50 18.60
N LYS A 13 -14.63 1.65 19.12
CA LYS A 13 -15.72 0.80 18.70
C LYS A 13 -15.99 0.89 17.19
N ALA A 14 -15.95 2.12 16.65
CA ALA A 14 -16.19 2.23 15.22
C ALA A 14 -15.07 1.60 14.42
N VAL A 15 -13.83 1.69 14.93
CA VAL A 15 -12.74 1.06 14.18
C VAL A 15 -13.01 -0.44 14.05
N GLU A 16 -13.41 -1.01 15.21
CA GLU A 16 -13.61 -2.46 15.19
C GLU A 16 -14.76 -2.84 14.29
N LYS A 17 -15.85 -2.07 14.30
CA LYS A 17 -16.98 -2.43 13.46
C LYS A 17 -16.69 -2.17 11.98
N ALA A 18 -15.92 -1.11 11.71
CA ALA A 18 -15.53 -0.75 10.32
C ALA A 18 -14.64 -1.84 9.77
N LYS A 19 -13.80 -2.36 10.67
CA LYS A 19 -12.85 -3.41 10.19
C LYS A 19 -13.64 -4.61 9.69
N LYS A 20 -14.69 -5.00 10.47
CA LYS A 20 -15.47 -6.17 10.06
C LYS A 20 -16.25 -5.87 8.77
N LYS A 21 -16.87 -4.68 8.74
CA LYS A 21 -17.65 -4.38 7.51
C LYS A 21 -16.74 -4.29 6.29
N LEU A 22 -15.54 -3.77 6.47
CA LEU A 22 -14.60 -3.70 5.34
C LEU A 22 -14.20 -5.09 4.85
N ARG A 23 -14.03 -6.05 5.80
CA ARG A 23 -13.70 -7.38 5.31
C ARG A 23 -14.79 -7.90 4.39
N GLY A 24 -16.06 -7.79 4.83
CA GLY A 24 -17.11 -8.39 4.00
C GLY A 24 -17.23 -7.68 2.65
N PHE A 25 -17.14 -6.34 2.72
CA PHE A 25 -17.31 -5.52 1.50
C PHE A 25 -16.18 -5.78 0.50
N ILE A 26 -14.93 -5.79 0.98
CA ILE A 26 -13.80 -5.96 0.08
C ILE A 26 -13.77 -7.35 -0.49
N ALA A 27 -14.07 -8.36 0.33
CA ALA A 27 -14.15 -9.74 -0.16
C ALA A 27 -15.26 -9.83 -1.20
N GLU A 28 -16.43 -9.24 -0.92
CA GLU A 28 -17.51 -9.37 -1.90
C GLU A 28 -17.16 -8.70 -3.21
N LYS A 29 -16.62 -7.50 -3.20
CA LYS A 29 -16.33 -6.76 -4.42
C LYS A 29 -15.06 -7.19 -5.16
N ARG A 30 -14.30 -8.10 -4.56
CA ARG A 30 -13.07 -8.59 -5.16
C ARG A 30 -12.13 -7.41 -5.44
N CYS A 31 -12.17 -6.41 -4.57
CA CYS A 31 -11.37 -5.20 -4.82
C CYS A 31 -10.18 -5.06 -3.88
N ALA A 32 -9.73 -6.16 -3.24
CA ALA A 32 -8.64 -5.99 -2.28
C ALA A 32 -7.40 -5.35 -2.92
N PRO A 33 -6.96 -5.77 -4.09
CA PRO A 33 -5.72 -5.14 -4.62
C PRO A 33 -5.89 -3.64 -4.82
N LEU A 34 -7.05 -3.23 -5.36
CA LEU A 34 -7.27 -1.80 -5.56
C LEU A 34 -7.27 -1.05 -4.25
N MET A 35 -7.85 -1.64 -3.18
CA MET A 35 -7.85 -0.94 -1.91
C MET A 35 -6.44 -0.88 -1.31
N LEU A 36 -5.63 -1.91 -1.53
CA LEU A 36 -4.22 -1.79 -1.05
C LEU A 36 -3.49 -0.68 -1.79
N ARG A 37 -3.73 -0.63 -3.11
CA ARG A 37 -3.10 0.49 -3.89
CA ARG A 37 -3.18 0.43 -3.94
C ARG A 37 -3.61 1.82 -3.45
N LEU A 38 -4.87 1.94 -3.00
CA LEU A 38 -5.38 3.23 -2.52
C LEU A 38 -4.71 3.60 -1.20
N ALA A 39 -4.55 2.62 -0.29
CA ALA A 39 -3.85 2.93 0.97
C ALA A 39 -2.40 3.33 0.76
N TRP A 40 -1.70 2.66 -0.02
CA TRP A 40 -0.30 2.90 -0.34
C TRP A 40 -0.08 4.23 -1.05
N HIS A 41 -0.91 4.49 -2.08
CA HIS A 41 -0.79 5.79 -2.68
C HIS A 41 -1.16 6.94 -1.74
N SER A 42 -2.00 6.60 -0.78
CA SER A 42 -2.28 7.60 0.23
C SER A 42 -1.05 7.90 1.08
N ALA A 43 -0.35 6.83 1.48
CA ALA A 43 0.76 7.01 2.42
C ALA A 43 2.08 7.41 1.75
N GLY A 44 2.25 6.96 0.51
CA GLY A 44 3.54 6.97 -0.18
C GLY A 44 4.00 8.35 -0.62
N THR A 45 3.18 9.36 -0.36
CA THR A 45 3.54 10.73 -0.70
C THR A 45 4.29 11.44 0.44
N PHE A 46 4.58 10.74 1.52
CA PHE A 46 5.18 11.40 2.68
C PHE A 46 6.63 11.79 2.41
N ASP A 47 6.90 13.04 2.77
CA ASP A 47 8.32 13.47 2.64
C ASP A 47 8.84 13.86 4.03
N LYS A 48 9.78 13.04 4.53
CA LYS A 48 10.23 13.18 5.89
C LYS A 48 10.89 14.54 6.17
N GLY A 49 11.61 15.11 5.21
CA GLY A 49 12.37 16.34 5.49
C GLY A 49 11.44 17.51 5.72
N THR A 50 10.28 17.47 5.05
CA THR A 50 9.30 18.55 5.19
C THR A 50 8.10 18.12 6.01
N LYS A 51 7.96 16.84 6.30
CA LYS A 51 6.78 16.32 6.97
C LYS A 51 5.50 16.66 6.20
N THR A 52 5.59 16.69 4.87
CA THR A 52 4.37 16.88 4.09
C THR A 52 3.92 15.59 3.43
N GLY A 53 2.64 15.52 3.05
CA GLY A 53 2.09 14.30 2.46
C GLY A 53 1.86 13.22 3.51
N GLY A 54 1.63 12.00 2.99
CA GLY A 54 1.38 10.89 3.89
C GLY A 54 -0.11 10.59 4.08
N PRO A 55 -0.41 9.62 4.94
CA PRO A 55 -1.75 9.01 5.01
C PRO A 55 -2.74 9.85 5.82
N PHE A 56 -3.14 11.00 5.26
CA PHE A 56 -3.93 11.97 6.02
C PHE A 56 -5.20 12.31 5.27
N GLY A 57 -5.69 11.32 4.50
CA GLY A 57 -7.03 11.48 3.92
C GLY A 57 -7.09 12.31 2.66
N THR A 58 -5.98 12.81 2.11
CA THR A 58 -6.06 13.76 1.01
C THR A 58 -6.33 13.12 -0.34
N ILE A 59 -6.22 11.79 -0.45
CA ILE A 59 -6.35 11.22 -1.78
C ILE A 59 -7.78 11.27 -2.29
N LYS A 60 -8.74 11.53 -1.40
CA LYS A 60 -10.11 11.61 -1.91
C LYS A 60 -10.38 12.96 -2.55
N HIS A 61 -9.50 13.94 -2.33
CA HIS A 61 -9.61 15.24 -3.00
C HIS A 61 -9.39 15.09 -4.50
N PRO A 62 -10.28 15.66 -5.32
CA PRO A 62 -10.14 15.50 -6.78
C PRO A 62 -8.76 15.97 -7.28
N ALA A 63 -8.13 16.98 -6.67
CA ALA A 63 -6.80 17.39 -7.11
C ALA A 63 -5.77 16.27 -6.95
N GLU A 64 -5.92 15.45 -5.92
CA GLU A 64 -4.95 14.37 -5.71
C GLU A 64 -5.32 13.19 -6.61
N LEU A 65 -6.62 12.92 -6.70
CA LEU A 65 -7.08 11.86 -7.60
C LEU A 65 -6.66 12.09 -9.04
N ALA A 66 -6.55 13.37 -9.41
CA ALA A 66 -6.17 13.72 -10.77
C ALA A 66 -4.71 13.42 -11.08
N HIS A 67 -3.86 13.21 -10.07
CA HIS A 67 -2.49 12.79 -10.38
C HIS A 67 -2.47 11.57 -11.29
N SER A 68 -1.57 11.54 -12.28
CA SER A 68 -1.61 10.40 -13.18
C SER A 68 -1.30 9.07 -12.47
N ALA A 69 -0.48 9.16 -11.42
CA ALA A 69 -0.10 7.97 -10.65
C ALA A 69 -1.33 7.34 -10.02
N ASN A 70 -2.34 8.16 -9.81
CA ASN A 70 -3.55 7.69 -9.16
C ASN A 70 -4.67 7.31 -10.10
N ASN A 71 -4.35 7.08 -11.39
CA ASN A 71 -5.40 6.77 -12.36
C ASN A 71 -6.20 5.57 -11.90
N GLY A 72 -7.51 5.60 -11.91
CA GLY A 72 -8.27 4.46 -11.42
C GLY A 72 -8.61 4.47 -9.94
N LEU A 73 -7.91 5.27 -9.15
CA LEU A 73 -8.17 5.25 -7.70
C LEU A 73 -9.44 6.00 -7.34
N ASP A 74 -10.00 6.74 -8.29
CA ASP A 74 -11.31 7.31 -8.03
C ASP A 74 -12.41 6.25 -7.89
N ILE A 75 -12.28 5.10 -8.57
CA ILE A 75 -13.20 3.98 -8.41
C ILE A 75 -13.19 3.50 -6.95
N ALA A 76 -11.97 3.37 -6.44
CA ALA A 76 -11.81 2.91 -5.05
C ALA A 76 -12.46 3.86 -4.03
N VAL A 77 -12.16 5.15 -4.22
CA VAL A 77 -12.76 6.16 -3.33
C VAL A 77 -14.28 6.10 -3.44
N ARG A 78 -14.82 6.05 -4.65
CA ARG A 78 -16.29 5.94 -4.77
C ARG A 78 -16.86 4.70 -4.12
N LEU A 79 -16.18 3.56 -4.33
CA LEU A 79 -16.63 2.29 -3.77
C LEU A 79 -16.75 2.34 -2.26
N LEU A 80 -15.85 3.06 -1.58
CA LEU A 80 -15.84 3.07 -0.13
C LEU A 80 -16.73 4.11 0.51
N GLU A 81 -17.21 5.09 -0.28
CA GLU A 81 -17.93 6.19 0.36
C GLU A 81 -19.20 5.76 1.08
N PRO A 82 -20.04 4.86 0.54
CA PRO A 82 -21.23 4.47 1.32
C PRO A 82 -20.86 3.85 2.65
N LEU A 83 -19.83 2.99 2.68
CA LEU A 83 -19.45 2.37 3.95
C LEU A 83 -18.86 3.42 4.90
N LYS A 84 -18.03 4.32 4.35
CA LYS A 84 -17.44 5.37 5.17
C LYS A 84 -18.51 6.19 5.89
N ALA A 85 -19.61 6.42 5.17
CA ALA A 85 -20.67 7.25 5.69
C ALA A 85 -21.40 6.60 6.84
N GLU A 86 -21.23 5.29 7.03
CA GLU A 86 -21.76 4.58 8.18
C GLU A 86 -20.84 4.74 9.41
N PHE A 87 -19.65 5.29 9.18
CA PHE A 87 -18.74 5.56 10.27
C PHE A 87 -18.26 7.02 10.27
N PRO A 88 -19.21 7.93 10.49
CA PRO A 88 -18.87 9.36 10.43
C PRO A 88 -17.80 9.78 11.43
N ILE A 89 -17.69 9.08 12.56
CA ILE A 89 -16.67 9.42 13.55
C ILE A 89 -15.25 9.15 13.09
N LEU A 90 -15.03 8.18 12.20
CA LEU A 90 -13.66 7.92 11.77
C LEU A 90 -13.14 8.96 10.78
N SER A 91 -11.83 9.28 10.85
CA SER A 91 -11.22 10.10 9.79
C SER A 91 -11.13 9.29 8.49
N TYR A 92 -11.18 9.96 7.32
CA TYR A 92 -10.92 9.28 6.06
C TYR A 92 -9.51 8.70 6.10
N ALA A 93 -8.59 9.45 6.72
CA ALA A 93 -7.21 8.99 6.82
C ALA A 93 -7.11 7.59 7.44
N ASP A 94 -7.72 7.42 8.60
CA ASP A 94 -7.74 6.11 9.27
C ASP A 94 -8.53 5.10 8.44
N PHE A 95 -9.64 5.54 7.84
CA PHE A 95 -10.52 4.63 7.09
C PHE A 95 -9.82 3.96 5.93
N TYR A 96 -9.07 4.76 5.15
CA TYR A 96 -8.34 4.23 3.99
C TYR A 96 -7.18 3.34 4.43
N GLN A 97 -6.46 3.70 5.50
CA GLN A 97 -5.40 2.81 5.97
C GLN A 97 -5.99 1.52 6.52
N LEU A 98 -7.14 1.59 7.20
CA LEU A 98 -7.80 0.38 7.68
C LEU A 98 -8.19 -0.48 6.49
N ALA A 99 -8.70 0.12 5.42
CA ALA A 99 -9.05 -0.67 4.25
C ALA A 99 -7.83 -1.39 3.68
N GLY A 100 -6.68 -0.71 3.68
CA GLY A 100 -5.44 -1.36 3.21
C GLY A 100 -5.06 -2.57 4.05
N VAL A 101 -5.18 -2.40 5.38
CA VAL A 101 -4.81 -3.50 6.29
C VAL A 101 -5.75 -4.69 6.04
N VAL A 102 -7.04 -4.34 5.90
CA VAL A 102 -8.02 -5.41 5.69
C VAL A 102 -7.84 -6.10 4.34
N ALA A 103 -7.49 -5.35 3.29
CA ALA A 103 -7.26 -5.91 1.97
C ALA A 103 -6.18 -6.99 2.05
N VAL A 104 -5.12 -6.72 2.82
CA VAL A 104 -4.06 -7.72 3.02
C VAL A 104 -4.58 -8.94 3.77
N GLU A 105 -5.32 -8.69 4.87
CA GLU A 105 -5.84 -9.82 5.65
C GLU A 105 -6.79 -10.70 4.91
N VAL A 106 -7.75 -10.10 4.20
CA VAL A 106 -8.79 -10.94 3.59
C VAL A 106 -8.27 -11.67 2.36
N THR A 107 -7.08 -11.30 1.84
CA THR A 107 -6.53 -12.12 0.77
C THR A 107 -5.57 -13.17 1.29
N GLY A 108 -5.37 -13.22 2.59
CA GLY A 108 -4.69 -14.32 3.28
C GLY A 108 -3.31 -13.88 3.76
N GLY A 109 -3.08 -12.57 3.78
CA GLY A 109 -1.81 -12.06 4.23
C GLY A 109 -1.69 -11.91 5.73
N PRO A 110 -0.58 -11.32 6.16
CA PRO A 110 -0.32 -11.17 7.60
C PRO A 110 -1.31 -10.16 8.21
N GLU A 111 -1.44 -10.24 9.51
CA GLU A 111 -2.25 -9.23 10.21
C GLU A 111 -1.40 -8.04 10.52
N VAL A 112 -1.57 -6.95 9.78
CA VAL A 112 -0.77 -5.75 10.03
C VAL A 112 -1.34 -4.95 11.21
N PRO A 113 -0.54 -4.65 12.23
CA PRO A 113 -1.06 -3.89 13.36
C PRO A 113 -1.60 -2.54 12.91
N PHE A 114 -2.71 -2.11 13.53
CA PHE A 114 -3.40 -0.89 13.14
C PHE A 114 -3.65 -0.06 14.41
N HIS A 115 -3.26 1.19 14.34
CA HIS A 115 -3.51 2.14 15.43
C HIS A 115 -4.28 3.35 14.90
N PRO A 116 -5.39 3.72 15.53
CA PRO A 116 -6.16 4.86 15.01
C PRO A 116 -5.61 6.21 15.44
N GLY A 117 -6.12 7.28 14.84
CA GLY A 117 -5.74 8.61 15.31
C GLY A 117 -5.29 9.57 14.23
N ARG A 118 -5.19 9.14 12.96
CA ARG A 118 -4.74 10.01 11.89
C ARG A 118 -5.79 11.10 11.68
N GLU A 119 -5.29 12.33 11.52
CA GLU A 119 -6.29 13.41 11.24
C GLU A 119 -6.36 13.69 9.75
N ASP A 120 -7.53 14.11 9.26
CA ASP A 120 -7.65 14.51 7.84
C ASP A 120 -7.07 15.90 7.65
N LYS A 121 -6.08 16.04 6.77
CA LYS A 121 -5.43 17.33 6.54
C LYS A 121 -5.99 17.95 5.28
N PRO A 122 -5.96 19.28 5.21
CA PRO A 122 -6.59 20.01 4.11
C PRO A 122 -5.81 20.05 2.81
N GLU A 123 -4.49 19.90 2.84
CA GLU A 123 -3.74 20.15 1.60
C GLU A 123 -3.11 18.88 1.07
N PRO A 124 -3.45 18.50 -0.15
CA PRO A 124 -2.78 17.33 -0.72
C PRO A 124 -1.32 17.72 -0.97
N PRO A 125 -0.42 16.77 -1.06
CA PRO A 125 0.97 17.12 -1.40
C PRO A 125 1.05 17.32 -2.90
N PRO A 126 2.15 17.93 -3.33
CA PRO A 126 2.40 18.08 -4.75
C PRO A 126 2.48 16.73 -5.44
N GLU A 127 2.14 16.71 -6.72
CA GLU A 127 2.24 15.51 -7.53
C GLU A 127 3.68 15.12 -7.82
N GLY A 128 3.93 13.82 -8.06
CA GLY A 128 5.26 13.42 -8.52
C GLY A 128 6.06 12.69 -7.48
N ARG A 129 5.49 12.37 -6.31
CA ARG A 129 6.33 11.72 -5.29
C ARG A 129 6.27 10.20 -5.36
N LEU A 130 5.25 9.63 -5.99
CA LEU A 130 5.16 8.18 -6.05
C LEU A 130 6.14 7.57 -7.05
N PRO A 131 6.58 6.33 -6.86
CA PRO A 131 7.63 5.76 -7.70
C PRO A 131 7.18 5.54 -9.14
N ASP A 132 8.12 5.73 -10.04
CA ASP A 132 8.00 5.58 -11.48
C ASP A 132 8.37 4.17 -11.85
N ALA A 133 7.40 3.42 -12.35
CA ALA A 133 7.59 2.04 -12.77
C ALA A 133 8.69 1.74 -13.80
N THR A 134 9.12 2.79 -14.50
CA THR A 134 10.14 2.55 -15.52
C THR A 134 11.54 2.81 -14.97
N LYS A 135 11.62 3.28 -13.72
CA LYS A 135 13.01 3.47 -13.23
C LYS A 135 13.53 2.32 -12.39
N GLY A 136 14.69 2.47 -11.75
CA GLY A 136 15.37 1.39 -11.07
C GLY A 136 15.69 1.66 -9.62
N SER A 137 16.73 0.98 -9.13
CA SER A 137 17.04 0.96 -7.69
C SER A 137 17.39 2.31 -7.11
N ASP A 138 18.12 3.11 -7.84
CA ASP A 138 18.48 4.42 -7.33
C ASP A 138 17.21 5.22 -7.11
N HIS A 139 16.31 5.16 -8.08
CA HIS A 139 15.02 5.84 -7.92
C HIS A 139 14.20 5.30 -6.76
N LEU A 140 14.11 3.98 -6.61
CA LEU A 140 13.40 3.42 -5.46
C LEU A 140 13.95 3.96 -4.14
N ARG A 141 15.30 3.99 -4.02
CA ARG A 141 15.85 4.53 -2.77
C ARG A 141 15.57 6.00 -2.57
N ASP A 142 15.53 6.78 -3.66
CA ASP A 142 15.18 8.18 -3.52
C ASP A 142 13.77 8.32 -2.95
N VAL A 143 12.87 7.45 -3.43
CA VAL A 143 11.45 7.64 -3.04
C VAL A 143 11.14 6.99 -1.72
N PHE A 144 11.43 5.71 -1.55
CA PHE A 144 11.17 5.08 -0.26
C PHE A 144 12.11 5.54 0.83
N GLY A 145 13.37 5.85 0.51
CA GLY A 145 14.33 6.11 1.61
C GLY A 145 14.50 7.59 1.86
N LYS A 146 14.91 8.33 0.82
CA LYS A 146 15.14 9.75 1.13
C LYS A 146 13.84 10.51 1.35
N ALA A 147 12.76 10.18 0.62
CA ALA A 147 11.52 10.91 0.96
C ALA A 147 10.80 10.26 2.14
N MET A 148 10.35 9.02 1.93
CA MET A 148 9.53 8.42 3.00
C MET A 148 10.29 8.06 4.27
N GLY A 149 11.57 7.74 4.18
CA GLY A 149 12.36 7.30 5.30
C GLY A 149 12.26 5.82 5.62
N LEU A 150 11.95 4.95 4.66
CA LEU A 150 11.83 3.52 4.92
C LEU A 150 13.13 2.80 4.57
N THR A 151 13.32 1.54 4.98
CA THR A 151 14.58 0.88 4.76
C THR A 151 14.66 0.11 3.45
N ASP A 152 15.87 -0.34 3.07
CA ASP A 152 15.98 -1.16 1.88
C ASP A 152 15.18 -2.44 2.05
N GLN A 153 15.12 -2.98 3.26
CA GLN A 153 14.34 -4.19 3.49
C GLN A 153 12.84 -3.89 3.25
N ASP A 154 12.41 -2.74 3.73
CA ASP A 154 11.00 -2.33 3.53
C ASP A 154 10.68 -2.19 2.06
N ILE A 155 11.64 -1.72 1.26
CA ILE A 155 11.36 -1.58 -0.19
C ILE A 155 11.03 -2.90 -0.84
N VAL A 156 11.86 -3.91 -0.55
CA VAL A 156 11.64 -5.21 -1.20
C VAL A 156 10.33 -5.82 -0.65
N ALA A 157 10.17 -5.85 0.68
CA ALA A 157 8.93 -6.50 1.17
C ALA A 157 7.70 -5.80 0.62
N LEU A 158 7.64 -4.45 0.60
CA LEU A 158 6.47 -3.74 0.11
C LEU A 158 6.25 -3.97 -1.38
N SER A 159 7.36 -4.17 -2.12
CA SER A 159 7.18 -4.50 -3.53
C SER A 159 6.32 -5.74 -3.67
N GLY A 160 6.37 -6.64 -2.71
CA GLY A 160 5.64 -7.89 -2.66
C GLY A 160 4.12 -7.67 -2.60
N GLY A 161 3.67 -6.45 -2.39
CA GLY A 161 2.24 -6.15 -2.44
C GLY A 161 1.72 -6.44 -3.84
N HIS A 162 2.60 -6.45 -4.86
CA HIS A 162 2.21 -6.80 -6.21
C HIS A 162 1.85 -8.27 -6.34
N THR A 163 2.00 -9.05 -5.27
CA THR A 163 1.53 -10.42 -5.26
C THR A 163 0.02 -10.48 -5.42
N ILE A 164 -0.69 -9.37 -5.15
CA ILE A 164 -2.12 -9.36 -5.51
C ILE A 164 -2.41 -8.27 -6.53
N GLY A 165 -3.36 -8.49 -7.45
CA GLY A 165 -3.74 -7.39 -8.30
C GLY A 165 -3.10 -7.50 -9.66
N ALA A 166 -3.34 -6.47 -10.46
CA ALA A 166 -2.88 -6.43 -11.84
C ALA A 166 -2.72 -4.99 -12.28
N ALA A 167 -1.95 -4.75 -13.35
CA ALA A 167 -1.97 -3.44 -14.00
C ALA A 167 -3.04 -3.41 -15.10
N HIS A 168 -3.39 -2.20 -15.50
CA HIS A 168 -4.44 -2.01 -16.50
C HIS A 168 -3.98 -1.00 -17.56
N LYS A 169 -4.05 -1.41 -18.84
CA LYS A 169 -3.58 -0.49 -19.86
C LYS A 169 -4.27 0.87 -19.84
N GLU A 170 -5.52 0.95 -19.35
CA GLU A 170 -6.12 2.28 -19.31
C GLU A 170 -5.78 3.08 -18.05
N ARG A 171 -5.10 2.47 -17.09
CA ARG A 171 -4.71 3.14 -15.87
C ARG A 171 -3.23 3.49 -15.99
N SER A 172 -2.30 2.61 -15.65
CA SER A 172 -0.88 2.97 -15.87
C SER A 172 -0.47 2.85 -17.34
N GLY A 173 -1.01 1.83 -18.00
CA GLY A 173 -0.61 1.50 -19.37
C GLY A 173 0.02 0.10 -19.36
N PHE A 174 0.63 -0.26 -18.22
CA PHE A 174 0.98 -1.68 -18.07
C PHE A 174 -0.26 -2.56 -17.96
N GLU A 175 -0.12 -3.89 -18.11
CA GLU A 175 -1.31 -4.74 -18.19
C GLU A 175 -1.03 -6.17 -17.69
N GLY A 176 -1.92 -6.63 -16.80
CA GLY A 176 -1.96 -8.00 -16.34
C GLY A 176 -1.43 -8.16 -14.91
N PRO A 177 -1.61 -9.37 -14.40
CA PRO A 177 -1.26 -9.69 -13.02
C PRO A 177 0.21 -10.10 -12.93
N TRP A 178 0.83 -9.93 -11.77
CA TRP A 178 2.17 -10.39 -11.51
C TRP A 178 2.18 -11.90 -11.20
N THR A 179 1.01 -12.43 -10.79
CA THR A 179 0.96 -13.80 -10.29
C THR A 179 -0.23 -14.55 -10.87
N SER A 180 -0.11 -15.87 -10.77
CA SER A 180 -1.20 -16.72 -11.24
C SER A 180 -2.39 -16.75 -10.29
N ASN A 181 -2.23 -16.27 -9.08
CA ASN A 181 -3.30 -16.24 -8.06
C ASN A 181 -3.40 -14.82 -7.46
N PRO A 182 -3.87 -13.86 -8.26
CA PRO A 182 -3.79 -12.44 -7.92
C PRO A 182 -4.79 -11.95 -6.87
N LEU A 183 -5.58 -12.87 -6.29
CA LEU A 183 -6.39 -12.46 -5.13
C LEU A 183 -5.90 -13.22 -3.89
N ILE A 184 -4.75 -13.90 -4.03
CA ILE A 184 -4.14 -14.61 -2.92
C ILE A 184 -2.83 -13.96 -2.48
N PHE A 185 -2.74 -13.55 -1.21
CA PHE A 185 -1.54 -12.87 -0.75
C PHE A 185 -0.53 -13.90 -0.35
N ASP A 186 0.54 -14.08 -1.15
CA ASP A 186 1.53 -15.10 -0.87
C ASP A 186 2.86 -14.62 -1.43
N ASN A 187 3.92 -15.45 -1.44
CA ASN A 187 5.22 -14.97 -1.89
C ASN A 187 5.44 -15.19 -3.39
N SER A 188 4.37 -15.47 -4.12
CA SER A 188 4.48 -15.81 -5.54
C SER A 188 5.05 -14.68 -6.37
N TYR A 189 4.87 -13.44 -5.93
CA TYR A 189 5.51 -12.34 -6.65
C TYR A 189 7.01 -12.59 -6.77
N PHE A 190 7.64 -12.98 -5.66
CA PHE A 190 9.11 -13.18 -5.69
C PHE A 190 9.48 -14.45 -6.46
N THR A 191 8.66 -15.48 -6.34
CA THR A 191 9.00 -16.70 -7.08
C THR A 191 8.83 -16.47 -8.58
N GLU A 192 7.88 -15.67 -9.03
CA GLU A 192 7.79 -15.40 -10.46
C GLU A 192 8.98 -14.56 -10.89
N LEU A 193 9.35 -13.59 -10.06
CA LEU A 193 10.46 -12.70 -10.43
C LEU A 193 11.72 -13.50 -10.66
N LEU A 194 11.97 -14.52 -9.83
CA LEU A 194 13.21 -15.25 -9.97
C LEU A 194 13.24 -16.11 -11.24
N SER A 195 12.16 -16.80 -11.52
CA SER A 195 11.96 -17.82 -12.53
C SER A 195 12.04 -17.27 -13.94
N GLY A 196 12.22 -15.97 -14.13
CA GLY A 196 12.07 -15.53 -15.49
C GLY A 196 10.69 -15.00 -15.82
N GLU A 197 10.60 -14.64 -17.08
CA GLU A 197 9.40 -14.15 -17.72
C GLU A 197 8.54 -15.31 -18.21
N LYS A 198 7.40 -15.48 -17.56
CA LYS A 198 6.35 -16.42 -17.91
C LYS A 198 5.25 -15.72 -18.70
N GLU A 199 4.79 -16.35 -19.76
CA GLU A 199 3.75 -15.74 -20.58
C GLU A 199 2.52 -15.40 -19.76
N GLY A 200 1.94 -14.22 -19.99
CA GLY A 200 0.73 -13.77 -19.35
C GLY A 200 0.94 -13.00 -18.05
N LEU A 201 2.12 -13.05 -17.45
CA LEU A 201 2.39 -12.44 -16.15
C LEU A 201 3.34 -11.24 -16.35
N LEU A 202 3.20 -10.21 -15.54
CA LEU A 202 3.75 -8.87 -15.64
C LEU A 202 4.99 -8.73 -14.77
N GLN A 203 6.04 -8.11 -15.27
CA GLN A 203 7.15 -7.55 -14.50
C GLN A 203 7.41 -6.11 -14.97
N LEU A 204 7.32 -5.15 -14.06
CA LEU A 204 7.64 -3.75 -14.32
C LEU A 204 9.17 -3.61 -14.28
N PRO A 205 9.75 -2.64 -14.97
CA PRO A 205 11.18 -2.38 -14.75
C PRO A 205 11.51 -2.19 -13.27
N SER A 206 10.62 -1.60 -12.48
CA SER A 206 10.90 -1.39 -11.05
C SER A 206 10.94 -2.70 -10.27
N ASP A 207 10.17 -3.72 -10.69
CA ASP A 207 10.26 -5.03 -10.05
C ASP A 207 11.61 -5.64 -10.40
N LYS A 208 11.95 -5.58 -11.69
CA LYS A 208 13.19 -6.24 -12.13
C LYS A 208 14.44 -5.64 -11.50
N ALA A 209 14.38 -4.36 -11.14
CA ALA A 209 15.49 -3.69 -10.48
C ALA A 209 15.88 -4.39 -9.19
N LEU A 210 14.89 -5.07 -8.59
CA LEU A 210 15.18 -5.77 -7.34
C LEU A 210 16.18 -6.92 -7.55
N LEU A 211 16.13 -7.54 -8.72
CA LEU A 211 16.97 -8.69 -9.04
C LEU A 211 18.44 -8.30 -9.21
N SER A 212 18.73 -7.07 -9.65
CA SER A 212 20.14 -6.76 -9.94
C SER A 212 20.81 -5.88 -8.91
N ASP A 213 20.10 -5.46 -7.90
CA ASP A 213 20.72 -4.63 -6.86
C ASP A 213 21.29 -5.53 -5.77
N PRO A 214 22.54 -5.27 -5.36
CA PRO A 214 23.19 -6.14 -4.41
C PRO A 214 22.53 -6.29 -3.04
N VAL A 215 21.76 -5.30 -2.59
CA VAL A 215 21.11 -5.39 -1.27
C VAL A 215 19.74 -6.03 -1.49
N PHE A 216 19.08 -5.58 -2.58
CA PHE A 216 17.70 -6.08 -2.76
C PHE A 216 17.66 -7.55 -3.13
N ARG A 217 18.60 -8.04 -3.95
CA ARG A 217 18.49 -9.44 -4.42
C ARG A 217 18.51 -10.46 -3.32
N PRO A 218 19.38 -10.43 -2.31
CA PRO A 218 19.29 -11.38 -1.19
C PRO A 218 17.92 -11.41 -0.49
N LEU A 219 17.23 -10.28 -0.42
CA LEU A 219 15.86 -10.24 0.14
C LEU A 219 14.87 -10.94 -0.78
N VAL A 220 14.92 -10.67 -2.10
CA VAL A 220 14.04 -11.39 -3.02
C VAL A 220 14.21 -12.89 -2.82
N ASP A 221 15.48 -13.32 -2.70
CA ASP A 221 15.74 -14.75 -2.53
C ASP A 221 15.22 -15.29 -1.21
N LYS A 222 15.42 -14.54 -0.13
CA LYS A 222 14.88 -14.93 1.16
C LYS A 222 13.36 -15.06 1.04
N TYR A 223 12.70 -14.06 0.48
CA TYR A 223 11.22 -14.10 0.44
C TYR A 223 10.70 -15.23 -0.45
N ALA A 224 11.38 -15.51 -1.58
CA ALA A 224 10.98 -16.62 -2.45
C ALA A 224 11.14 -17.95 -1.74
N ALA A 225 12.15 -18.02 -0.86
CA ALA A 225 12.37 -19.30 -0.18
C ALA A 225 11.54 -19.44 1.09
N ASP A 226 11.15 -18.31 1.69
CA ASP A 226 10.56 -18.37 3.04
C ASP A 226 9.37 -17.42 3.13
N GLU A 227 8.17 -17.93 2.81
CA GLU A 227 6.97 -17.07 2.87
C GLU A 227 6.74 -16.56 4.28
N ASP A 228 7.07 -17.25 5.34
CA ASP A 228 6.85 -16.72 6.68
C ASP A 228 7.71 -15.48 6.94
N ALA A 229 8.94 -15.50 6.42
CA ALA A 229 9.86 -14.40 6.52
C ALA A 229 9.33 -13.18 5.74
N PHE A 230 8.79 -13.51 4.56
CA PHE A 230 8.11 -12.47 3.77
C PHE A 230 6.97 -11.86 4.59
N PHE A 231 6.09 -12.70 5.13
CA PHE A 231 4.97 -12.09 5.89
C PHE A 231 5.47 -11.23 7.05
N ALA A 232 6.48 -11.63 7.80
CA ALA A 232 6.92 -10.82 8.93
C ALA A 232 7.43 -9.49 8.43
N ASP A 233 8.27 -9.51 7.38
CA ASP A 233 8.89 -8.27 6.94
C ASP A 233 7.82 -7.37 6.26
N TYR A 234 6.88 -8.01 5.55
CA TYR A 234 5.77 -7.30 4.91
C TYR A 234 5.04 -6.56 6.04
N ALA A 235 4.60 -7.27 7.08
CA ALA A 235 3.75 -6.62 8.08
C ALA A 235 4.46 -5.45 8.76
N GLU A 236 5.77 -5.64 9.04
CA GLU A 236 6.54 -4.52 9.60
C GLU A 236 6.56 -3.32 8.66
N ALA A 237 6.82 -3.55 7.39
CA ALA A 237 6.90 -2.46 6.41
C ALA A 237 5.55 -1.78 6.17
N HIS A 238 4.50 -2.59 6.05
CA HIS A 238 3.20 -1.96 5.81
C HIS A 238 2.81 -1.14 7.04
N GLN A 239 3.05 -1.68 8.25
CA GLN A 239 2.70 -0.82 9.40
C GLN A 239 3.43 0.53 9.33
N LYS A 240 4.75 0.48 9.08
CA LYS A 240 5.52 1.72 8.98
C LYS A 240 4.98 2.66 7.91
N LEU A 241 4.75 2.10 6.73
CA LEU A 241 4.19 2.89 5.64
C LEU A 241 2.89 3.57 6.05
N SER A 242 1.97 2.80 6.64
CA SER A 242 0.66 3.30 7.03
C SER A 242 0.71 4.36 8.12
N GLU A 243 1.89 4.47 8.75
CA GLU A 243 2.05 5.39 9.87
C GLU A 243 3.03 6.51 9.58
N LEU A 244 3.42 6.67 8.32
CA LEU A 244 4.36 7.76 8.02
C LEU A 244 3.81 9.13 8.40
N GLY A 245 4.64 9.89 9.11
CA GLY A 245 4.18 11.22 9.50
C GLY A 245 3.19 11.22 10.64
N PHE A 246 2.85 10.03 11.16
CA PHE A 246 1.76 9.92 12.11
C PHE A 246 2.31 9.41 13.43
N ALA A 247 1.98 10.08 14.51
CA ALA A 247 2.35 9.69 15.84
C ALA A 247 3.89 9.75 16.01
N ASP A 248 4.46 10.74 15.36
CA ASP A 248 5.88 11.03 15.16
C ASP A 248 6.39 10.35 13.90
N ALA A 249 6.24 11.06 12.79
CA ALA A 249 6.83 10.84 11.49
C ALA A 249 7.00 9.42 11.00
CHA HEM B . -0.42 -1.69 -9.23
CHB HEM B . 3.82 0.69 -9.76
CHC HEM B . 4.84 -0.32 -5.15
CHD HEM B . 0.56 -2.33 -4.47
C1A HEM B . 0.64 -0.99 -9.73
C2A HEM B . 0.72 -0.49 -11.05
C3A HEM B . 1.87 0.18 -11.21
C4A HEM B . 2.59 0.12 -10.01
CMA HEM B . 2.43 0.92 -12.47
CAA HEM B . -0.43 -0.76 -12.04
CBA HEM B . -1.63 0.21 -11.88
CGA HEM B . -2.68 -0.09 -12.95
O1A HEM B . -2.34 0.10 -14.13
O2A HEM B . -3.77 -0.45 -12.59
C1B HEM B . 4.50 0.56 -8.57
C2B HEM B . 5.86 0.96 -8.31
C3B HEM B . 6.18 0.61 -7.06
C4B HEM B . 5.00 0.07 -6.45
CMB HEM B . 6.83 1.53 -9.36
CAB HEM B . 7.54 0.82 -6.38
CBB HEM B . 8.04 -0.16 -5.70
C1C HEM B . 3.72 -0.79 -4.56
C2C HEM B . 3.54 -0.98 -3.12
C3C HEM B . 2.36 -1.55 -2.92
C4C HEM B . 1.72 -1.74 -4.19
CMC HEM B . 4.64 -0.49 -2.17
CAC HEM B . 1.62 -1.92 -1.62
CBC HEM B . 2.20 -2.63 -0.71
C1D HEM B . 0.00 -2.42 -5.71
C2D HEM B . -1.15 -3.21 -5.97
C3D HEM B . -1.48 -3.03 -7.40
C4D HEM B . -0.49 -2.16 -7.94
CMD HEM B . -1.94 -4.09 -5.01
CAD HEM B . -2.65 -3.75 -8.12
CBD HEM B . -3.85 -2.78 -8.24
CGD HEM B . -5.05 -3.47 -8.93
O1D HEM B . -5.92 -2.67 -9.31
O2D HEM B . -5.09 -4.62 -9.06
NA HEM B . 1.80 -0.53 -9.14
NB HEM B . 4.03 0.01 -7.42
NC HEM B . 2.60 -1.31 -5.13
ND HEM B . 0.36 -1.80 -6.88
FE HEM B . 2.20 -0.94 -7.14
S SO4 C . 17.32 5.08 -11.72
O1 SO4 C . 17.17 6.43 -11.24
O2 SO4 C . 18.66 5.13 -12.12
O3 SO4 C . 17.10 4.04 -10.82
O4 SO4 C . 16.47 4.86 -12.88
K K D . -0.44 -14.15 -5.42
O1 OXY E . 1.62 1.52 -7.19
O2 OXY E . 1.36 0.74 -6.61
#